data_4XPE
#
_entry.id   4XPE
#
_cell.length_a   54.623
_cell.length_b   145.385
_cell.length_c   46.801
_cell.angle_alpha   90.000
_cell.angle_beta   90.000
_cell.angle_gamma   90.000
#
_symmetry.space_group_name_H-M   'P 21 21 2'
#
loop_
_entity.id
_entity.type
_entity.pdbx_description
1 polymer 'reverse transcriptase'
2 polymer "DNA (5'-D(*CP*TP*TP*AP*TP*GP*GP*G)-3')"
3 polymer "DNA (5'-D(P*CP*CP*CP*AP*TP*AP*AP*G)-3')"
4 non-polymer 1,2-ETHANEDIOL
5 water water
#
loop_
_entity_poly.entity_id
_entity_poly.type
_entity_poly.pdbx_seq_one_letter_code
_entity_poly.pdbx_strand_id
1 'polypeptide(L)'
;GSHMTWLSDFPQAWAETGGMGLAVRQAPLIIPLKATSTPVSIKQYPMSQEARLGIKPHIQRLLDQGILVPCQSPWNTPLL
PVKKPGTNDYRPVQDLREVNKRVEDIHPTVPNPYNLLSGLPPSHQWYTVLDLKDAFFCLRLHPTSQPLFAFEWRDPEMGI
SGQLTWTRLPQGFKNSPTLFDEALHRDLADFRIQHPDLILLQYVDDLLLAATSELDCQQGTRALLQTLGNLGYRASAKKA
QICQKQVKYLGYLLKEGQR
;
A
2 'polydeoxyribonucleotide' (DC)(DT)(DT)(DA)(DT)(DG)(DG)(DG) B
3 'polydeoxyribonucleotide' (DC)(DC)(DC)(DA)(DT)(DA)(DA)(DG) G
#
loop_
_chem_comp.id
_chem_comp.type
_chem_comp.name
_chem_comp.formula
DA DNA linking 2'-DEOXYADENOSINE-5'-MONOPHOSPHATE 'C10 H14 N5 O6 P'
DC DNA linking 2'-DEOXYCYTIDINE-5'-MONOPHOSPHATE 'C9 H14 N3 O7 P'
DG DNA linking 2'-DEOXYGUANOSINE-5'-MONOPHOSPHATE 'C10 H14 N5 O7 P'
DT DNA linking THYMIDINE-5'-MONOPHOSPHATE 'C10 H15 N2 O8 P'
EDO non-polymer 1,2-ETHANEDIOL 'C2 H6 O2'
#
# COMPACT_ATOMS: atom_id res chain seq x y z
N THR A 5 -2.25 -23.48 -12.05
CA THR A 5 -2.83 -22.14 -12.12
C THR A 5 -1.75 -21.10 -11.87
N TRP A 6 -2.06 -19.85 -12.21
CA TRP A 6 -1.18 -18.76 -11.80
C TRP A 6 -1.19 -18.73 -10.28
N LEU A 7 -2.32 -19.08 -9.70
CA LEU A 7 -2.44 -19.25 -8.25
C LEU A 7 -1.43 -20.23 -7.69
N SER A 8 -1.43 -21.46 -8.22
CA SER A 8 -0.64 -22.55 -7.65
C SER A 8 0.84 -22.41 -7.91
N ASP A 9 1.20 -21.74 -9.00
CA ASP A 9 2.60 -21.56 -9.37
C ASP A 9 3.32 -20.49 -8.54
N PHE A 10 2.54 -19.59 -7.94
CA PHE A 10 3.13 -18.48 -7.18
C PHE A 10 2.40 -18.22 -5.86
N PRO A 11 2.42 -19.20 -4.95
CA PRO A 11 1.69 -19.15 -3.68
C PRO A 11 2.10 -17.94 -2.85
N GLN A 12 3.38 -17.59 -2.91
CA GLN A 12 3.92 -16.53 -2.08
C GLN A 12 3.49 -15.13 -2.56
N ALA A 13 3.25 -14.99 -3.86
CA ALA A 13 2.97 -13.69 -4.46
C ALA A 13 1.53 -13.19 -4.24
N TRP A 14 0.60 -14.09 -3.98
CA TRP A 14 -0.81 -13.70 -3.90
C TRP A 14 -1.26 -13.50 -2.47
N ALA A 15 -2.03 -12.44 -2.25
CA ALA A 15 -2.52 -12.11 -0.90
C ALA A 15 -3.38 -13.26 -0.38
N GLU A 16 -4.04 -13.95 -1.30
CA GLU A 16 -4.96 -15.03 -0.93
C GLU A 16 -4.23 -16.21 -0.29
N THR A 17 -2.99 -16.46 -0.69
CA THR A 17 -2.28 -17.66 -0.25
C THR A 17 -0.92 -17.41 0.41
N GLY A 18 -0.45 -16.17 0.41
CA GLY A 18 0.90 -15.91 0.87
C GLY A 18 1.04 -15.29 2.26
N GLY A 19 -0.09 -14.98 2.88
CA GLY A 19 -0.07 -14.30 4.17
C GLY A 19 0.13 -12.80 3.99
N MET A 20 0.04 -12.05 5.08
CA MET A 20 0.20 -10.60 5.03
C MET A 20 1.64 -10.29 4.61
N GLY A 21 1.80 -9.25 3.81
CA GLY A 21 3.11 -8.89 3.31
C GLY A 21 3.93 -8.11 4.31
N LEU A 22 5.20 -7.91 3.95
CA LEU A 22 6.12 -7.13 4.76
C LEU A 22 7.32 -6.98 3.84
N ALA A 23 7.66 -5.75 3.50
CA ALA A 23 8.75 -5.45 2.57
C ALA A 23 10.09 -5.56 3.28
N VAL A 24 10.67 -6.75 3.22
CA VAL A 24 11.81 -7.10 4.05
C VAL A 24 13.09 -6.34 3.71
N ARG A 25 13.18 -5.82 2.49
CA ARG A 25 14.39 -5.10 2.08
C ARG A 25 14.36 -3.63 2.45
N GLN A 26 13.19 -3.14 2.87
CA GLN A 26 13.03 -1.71 3.11
C GLN A 26 13.21 -1.37 4.59
N ALA A 27 14.16 -0.49 4.88
CA ALA A 27 14.36 -0.05 6.26
C ALA A 27 13.07 0.55 6.84
N PRO A 28 12.79 0.32 8.12
CA PRO A 28 11.65 0.97 8.77
C PRO A 28 11.72 2.49 8.56
N LEU A 29 10.59 3.07 8.17
CA LEU A 29 10.54 4.48 7.78
C LEU A 29 10.55 5.44 8.96
N ILE A 30 11.39 6.45 8.88
CA ILE A 30 11.39 7.52 9.87
C ILE A 30 10.70 8.74 9.25
N ILE A 31 9.75 9.31 9.99
CA ILE A 31 8.89 10.38 9.47
C ILE A 31 9.29 11.73 10.09
N PRO A 32 10.04 12.56 9.36
CA PRO A 32 10.52 13.81 9.96
C PRO A 32 9.40 14.82 10.20
N LEU A 33 9.42 15.50 11.35
CA LEU A 33 8.44 16.53 11.66
C LEU A 33 8.93 17.88 11.17
N LYS A 34 8.00 18.81 10.97
CA LYS A 34 8.36 20.19 10.69
C LYS A 34 9.13 20.74 11.88
N ALA A 35 9.91 21.79 11.63
CA ALA A 35 10.87 22.28 12.63
C ALA A 35 10.24 22.75 13.94
N THR A 36 9.00 23.24 13.87
CA THR A 36 8.34 23.79 15.06
C THR A 36 7.28 22.89 15.67
N SER A 37 7.05 21.71 15.08
CA SER A 37 5.97 20.84 15.58
C SER A 37 6.16 20.31 17.00
N THR A 38 5.07 20.26 17.76
CA THR A 38 5.04 19.49 19.00
C THR A 38 3.80 18.60 18.95
N PRO A 39 3.74 17.57 19.79
CA PRO A 39 2.63 16.60 19.70
C PRO A 39 1.29 17.26 19.96
N VAL A 40 0.27 16.72 19.32
CA VAL A 40 -1.09 17.17 19.56
C VAL A 40 -1.88 15.95 19.99
N SER A 41 -2.72 16.13 21.01
CA SER A 41 -3.53 15.03 21.54
C SER A 41 -4.98 15.46 21.45
N ILE A 42 -5.67 14.93 20.45
CA ILE A 42 -7.08 15.27 20.25
C ILE A 42 -7.95 14.21 20.90
N LYS A 43 -8.93 14.63 21.68
CA LYS A 43 -9.76 13.67 22.39
C LYS A 43 -10.60 12.85 21.41
N GLN A 44 -10.80 11.58 21.76
CA GLN A 44 -11.63 10.69 20.96
C GLN A 44 -13.10 11.00 21.21
N TYR A 45 -13.82 11.33 20.16
CA TYR A 45 -15.27 11.52 20.25
C TYR A 45 -15.88 10.21 20.67
N PRO A 46 -16.82 10.24 21.64
CA PRO A 46 -17.39 8.99 22.13
C PRO A 46 -18.01 8.21 20.97
N MET A 47 -17.76 6.91 20.95
CA MET A 47 -18.22 6.09 19.85
C MET A 47 -19.40 5.25 20.34
N SER A 48 -20.42 5.10 19.50
CA SER A 48 -21.57 4.27 19.84
C SER A 48 -21.16 2.82 19.97
N GLN A 49 -21.97 2.02 20.65
CA GLN A 49 -21.65 0.60 20.74
C GLN A 49 -21.69 -0.02 19.35
N GLU A 50 -22.61 0.43 18.52
CA GLU A 50 -22.78 -0.17 17.19
C GLU A 50 -21.49 -0.02 16.40
N ALA A 51 -20.94 1.18 16.44
CA ALA A 51 -19.70 1.47 15.72
C ALA A 51 -18.52 0.69 16.32
N ARG A 52 -18.45 0.68 17.64
CA ARG A 52 -17.41 -0.04 18.36
C ARG A 52 -17.43 -1.55 18.04
N LEU A 53 -18.59 -2.17 18.08
CA LEU A 53 -18.70 -3.58 17.72
C LEU A 53 -18.32 -3.83 16.27
N GLY A 54 -18.65 -2.88 15.40
CA GLY A 54 -18.33 -3.00 14.00
C GLY A 54 -16.83 -2.96 13.77
N ILE A 55 -16.17 -2.03 14.46
CA ILE A 55 -14.73 -1.80 14.31
C ILE A 55 -13.89 -2.88 14.99
N LYS A 56 -14.40 -3.40 16.11
CA LYS A 56 -13.66 -4.32 16.97
C LYS A 56 -12.91 -5.48 16.28
N PRO A 57 -13.58 -6.22 15.38
CA PRO A 57 -12.87 -7.38 14.80
C PRO A 57 -11.69 -6.93 13.94
N HIS A 58 -11.79 -5.77 13.32
CA HIS A 58 -10.68 -5.24 12.52
C HIS A 58 -9.48 -4.90 13.41
N ILE A 59 -9.74 -4.20 14.50
CA ILE A 59 -8.69 -3.89 15.46
C ILE A 59 -8.02 -5.15 16.00
N GLN A 60 -8.82 -6.16 16.30
CA GLN A 60 -8.27 -7.40 16.84
C GLN A 60 -7.39 -8.11 15.81
N ARG A 61 -7.80 -8.12 14.56
CA ARG A 61 -7.02 -8.73 13.50
C ARG A 61 -5.66 -8.03 13.35
N LEU A 62 -5.69 -6.71 13.37
CA LEU A 62 -4.47 -5.91 13.24
C LEU A 62 -3.52 -6.11 14.41
N LEU A 63 -4.08 -6.25 15.60
CA LEU A 63 -3.28 -6.54 16.78
C LEU A 63 -2.66 -7.93 16.64
N ASP A 64 -3.47 -8.90 16.20
CA ASP A 64 -2.97 -10.26 16.00
C ASP A 64 -1.84 -10.25 14.99
N GLN A 65 -1.98 -9.40 13.97
CA GLN A 65 -0.98 -9.32 12.90
C GLN A 65 0.26 -8.51 13.28
N GLY A 66 0.22 -7.84 14.43
CA GLY A 66 1.32 -7.01 14.88
C GLY A 66 1.35 -5.64 14.21
N ILE A 67 0.32 -5.37 13.42
CA ILE A 67 0.23 -4.11 12.66
C ILE A 67 -0.18 -2.96 13.59
N LEU A 68 -1.00 -3.27 14.59
CA LEU A 68 -1.25 -2.38 15.70
C LEU A 68 -0.57 -2.91 16.96
N VAL A 69 -0.10 -2.01 17.81
CA VAL A 69 0.48 -2.39 19.11
C VAL A 69 0.05 -1.40 20.16
N PRO A 70 -0.06 -1.85 21.43
CA PRO A 70 -0.37 -0.89 22.48
C PRO A 70 0.74 0.14 22.60
N CYS A 71 0.41 1.34 23.07
CA CYS A 71 1.43 2.33 23.35
C CYS A 71 0.88 3.41 24.29
N GLN A 72 1.79 4.24 24.78
CA GLN A 72 1.42 5.49 25.43
C GLN A 72 2.16 6.57 24.69
N SER A 73 1.42 7.54 24.17
CA SER A 73 2.00 8.56 23.31
C SER A 73 1.38 9.93 23.58
N PRO A 74 2.19 11.00 23.49
CA PRO A 74 1.70 12.37 23.62
C PRO A 74 0.88 12.80 22.41
N TRP A 75 0.91 11.99 21.35
CA TRP A 75 0.09 12.25 20.17
C TRP A 75 -1.19 11.44 20.31
N ASN A 76 -2.30 12.00 19.84
CA ASN A 76 -3.52 11.23 19.72
C ASN A 76 -4.43 11.86 18.67
N THR A 77 -4.95 11.02 17.78
CA THR A 77 -5.96 11.46 16.82
C THR A 77 -7.16 10.54 16.86
N PRO A 78 -8.33 11.06 16.46
CA PRO A 78 -9.58 10.33 16.62
C PRO A 78 -9.81 9.28 15.54
N LEU A 79 -10.50 8.21 15.91
CA LEU A 79 -11.12 7.30 14.96
C LEU A 79 -12.54 7.77 14.69
N LEU A 80 -13.01 7.64 13.45
CA LEU A 80 -14.34 8.14 13.08
C LEU A 80 -15.45 7.29 13.69
N PRO A 81 -16.40 7.95 14.39
CA PRO A 81 -17.44 7.24 15.15
C PRO A 81 -18.59 6.70 14.31
N VAL A 82 -18.53 6.91 12.99
CA VAL A 82 -19.59 6.43 12.09
C VAL A 82 -19.00 5.72 10.87
N LYS A 83 -17.68 5.87 10.71
CA LYS A 83 -16.92 5.14 9.70
C LYS A 83 -17.71 4.09 8.93
N ASP A 89 -21.55 -2.13 7.37
CA ASP A 89 -20.15 -2.56 7.42
C ASP A 89 -19.22 -1.46 7.91
N TYR A 90 -18.51 -1.74 9.01
CA TYR A 90 -17.63 -0.76 9.64
C TYR A 90 -16.16 -1.04 9.39
N ARG A 91 -15.44 0.00 8.99
CA ARG A 91 -13.99 -0.04 8.90
C ARG A 91 -13.46 1.19 9.62
N PRO A 92 -12.43 1.01 10.46
CA PRO A 92 -11.94 2.16 11.23
C PRO A 92 -11.21 3.16 10.33
N VAL A 93 -11.55 4.43 10.44
CA VAL A 93 -10.88 5.50 9.69
C VAL A 93 -10.35 6.52 10.68
N GLN A 94 -9.04 6.75 10.64
CA GLN A 94 -8.39 7.65 11.56
C GLN A 94 -8.27 9.04 10.92
N ASP A 95 -8.64 10.07 11.65
CA ASP A 95 -8.50 11.44 11.17
C ASP A 95 -7.10 11.95 11.51
N LEU A 96 -6.19 11.80 10.56
CA LEU A 96 -4.79 12.18 10.77
C LEU A 96 -4.47 13.60 10.31
N ARG A 97 -5.49 14.42 10.10
CA ARG A 97 -5.22 15.75 9.59
C ARG A 97 -4.29 16.60 10.46
N GLU A 98 -4.45 16.56 11.79
CA GLU A 98 -3.59 17.36 12.66
C GLU A 98 -2.17 16.81 12.73
N VAL A 99 -2.02 15.52 12.48
CA VAL A 99 -0.69 14.93 12.38
C VAL A 99 -0.06 15.35 11.05
N ASN A 100 -0.81 15.21 9.95
CA ASN A 100 -0.35 15.62 8.62
C ASN A 100 0.18 17.04 8.62
N LYS A 101 -0.53 17.95 9.28
CA LYS A 101 -0.11 19.36 9.33
C LYS A 101 1.26 19.55 9.96
N ARG A 102 1.66 18.60 10.81
CA ARG A 102 2.88 18.76 11.59
C ARG A 102 4.07 17.99 11.02
N VAL A 103 3.82 17.24 9.97
CA VAL A 103 4.87 16.41 9.35
C VAL A 103 5.49 17.18 8.19
N GLU A 104 6.81 17.15 8.08
CA GLU A 104 7.51 17.85 7.01
C GLU A 104 7.02 17.36 5.65
N ASP A 105 6.79 18.30 4.74
CA ASP A 105 6.39 17.98 3.38
C ASP A 105 7.50 17.27 2.61
N ILE A 106 7.12 16.35 1.72
CA ILE A 106 8.07 15.77 0.78
C ILE A 106 7.61 16.08 -0.64
N HIS A 107 8.54 16.07 -1.59
CA HIS A 107 8.18 16.30 -2.99
C HIS A 107 7.23 15.21 -3.48
N PRO A 108 6.16 15.60 -4.19
CA PRO A 108 5.23 14.59 -4.72
C PRO A 108 5.78 13.93 -5.98
N THR A 109 6.31 12.73 -5.84
CA THR A 109 6.99 12.06 -6.95
C THR A 109 6.11 11.09 -7.74
N VAL A 110 4.90 10.83 -7.27
CA VAL A 110 4.03 9.92 -8.01
C VAL A 110 3.49 10.68 -9.23
N PRO A 111 3.74 10.14 -10.44
CA PRO A 111 3.26 10.77 -11.67
C PRO A 111 1.74 10.72 -11.76
N ASN A 112 1.10 11.72 -12.37
CA ASN A 112 -0.34 11.60 -12.61
C ASN A 112 -0.59 10.52 -13.66
N PRO A 113 -1.73 9.80 -13.54
CA PRO A 113 -2.00 8.69 -14.45
C PRO A 113 -1.84 9.05 -15.92
N TYR A 114 -2.27 10.24 -16.31
CA TYR A 114 -2.15 10.66 -17.71
C TYR A 114 -0.69 10.59 -18.17
N ASN A 115 0.20 11.18 -17.39
CA ASN A 115 1.61 11.19 -17.76
C ASN A 115 2.21 9.81 -17.67
N LEU A 116 1.82 9.06 -16.64
CA LEU A 116 2.31 7.69 -16.50
C LEU A 116 2.00 6.86 -17.75
N LEU A 117 0.78 6.98 -18.27
CA LEU A 117 0.39 6.16 -19.41
C LEU A 117 1.08 6.57 -20.70
N SER A 118 1.61 7.79 -20.74
CA SER A 118 2.30 8.28 -21.92
C SER A 118 3.54 7.44 -22.24
N GLY A 119 4.03 6.69 -21.26
CA GLY A 119 5.22 5.87 -21.45
C GLY A 119 4.91 4.44 -21.86
N LEU A 120 3.69 4.23 -22.37
CA LEU A 120 3.27 2.93 -22.85
C LEU A 120 3.28 2.97 -24.38
N PRO A 121 4.27 2.30 -25.00
CA PRO A 121 4.45 2.32 -26.46
C PRO A 121 3.46 1.40 -27.16
N PRO A 122 3.14 1.70 -28.42
CA PRO A 122 2.24 0.86 -29.23
C PRO A 122 2.85 -0.52 -29.49
N SER A 123 4.18 -0.61 -29.38
CA SER A 123 4.88 -1.87 -29.59
C SER A 123 4.51 -2.96 -28.57
N HIS A 124 4.00 -2.53 -27.42
CA HIS A 124 3.69 -3.45 -26.33
C HIS A 124 2.19 -3.50 -26.04
N GLN A 125 1.49 -4.48 -26.63
CA GLN A 125 0.05 -4.53 -26.49
C GLN A 125 -0.45 -5.77 -25.75
N TRP A 126 0.45 -6.48 -25.09
CA TRP A 126 0.09 -7.58 -24.21
C TRP A 126 0.28 -7.15 -22.76
N TYR A 127 -0.80 -7.16 -21.98
CA TYR A 127 -0.79 -6.54 -20.65
C TYR A 127 -1.03 -7.50 -19.49
N THR A 128 -0.39 -7.20 -18.37
CA THR A 128 -0.77 -7.79 -17.10
C THR A 128 -0.96 -6.64 -16.12
N VAL A 129 -2.07 -6.69 -15.39
CA VAL A 129 -2.33 -5.67 -14.38
C VAL A 129 -2.48 -6.35 -13.03
N LEU A 130 -1.74 -5.86 -12.03
CA LEU A 130 -1.80 -6.38 -10.69
C LEU A 130 -2.03 -5.22 -9.73
N ASP A 131 -2.79 -5.45 -8.66
CA ASP A 131 -2.81 -4.47 -7.58
C ASP A 131 -2.34 -5.14 -6.29
N LEU A 132 -1.49 -4.44 -5.56
CA LEU A 132 -0.94 -4.96 -4.33
C LEU A 132 -1.94 -4.74 -3.21
N LYS A 133 -2.19 -5.79 -2.44
CA LYS A 133 -3.12 -5.72 -1.32
C LYS A 133 -2.43 -5.20 -0.06
N ASP A 134 -3.12 -4.31 0.64
CA ASP A 134 -2.64 -3.76 1.91
C ASP A 134 -1.21 -3.27 1.74
N ALA A 135 -0.99 -2.50 0.68
CA ALA A 135 0.35 -2.08 0.27
C ALA A 135 1.07 -1.29 1.36
N PHE A 136 0.41 -0.28 1.90
CA PHE A 136 1.08 0.56 2.90
C PHE A 136 1.52 -0.29 4.09
N PHE A 137 0.67 -1.24 4.49
CA PHE A 137 0.98 -2.07 5.64
C PHE A 137 2.20 -2.97 5.41
N CYS A 138 2.67 -3.08 4.17
CA CYS A 138 3.90 -3.83 3.91
C CYS A 138 5.15 -3.08 4.35
N LEU A 139 5.04 -1.78 4.50
CA LEU A 139 6.18 -0.95 4.89
C LEU A 139 6.22 -0.71 6.39
N ARG A 140 7.29 -1.16 7.04
CA ARG A 140 7.46 -0.92 8.46
C ARG A 140 7.71 0.54 8.77
N LEU A 141 7.25 0.97 9.94
CA LEU A 141 7.49 2.31 10.46
C LEU A 141 8.54 2.17 11.55
N HIS A 142 9.55 3.05 11.55
CA HIS A 142 10.55 3.02 12.63
C HIS A 142 9.87 3.24 13.99
N PRO A 143 10.34 2.54 15.02
CA PRO A 143 9.74 2.74 16.35
C PRO A 143 9.73 4.20 16.81
N THR A 144 10.68 5.01 16.36
CA THR A 144 10.70 6.40 16.77
C THR A 144 9.54 7.19 16.19
N SER A 145 9.04 6.72 15.05
CA SER A 145 7.95 7.40 14.36
C SER A 145 6.57 6.82 14.70
N GLN A 146 6.55 5.63 15.28
CA GLN A 146 5.29 4.99 15.62
C GLN A 146 4.35 5.83 16.51
N PRO A 147 4.90 6.50 17.54
CA PRO A 147 3.99 7.22 18.44
C PRO A 147 3.19 8.33 17.77
N LEU A 148 3.67 8.83 16.62
CA LEU A 148 2.96 9.91 15.93
C LEU A 148 1.52 9.56 15.64
N PHE A 149 1.25 8.28 15.40
CA PHE A 149 -0.02 7.87 14.79
C PHE A 149 -0.99 7.23 15.79
N ALA A 150 -0.78 7.51 17.08
CA ALA A 150 -1.55 6.84 18.13
C ALA A 150 -3.02 7.25 18.14
N PHE A 151 -3.87 6.33 18.57
CA PHE A 151 -5.29 6.63 18.79
C PHE A 151 -5.76 5.86 19.99
N GLU A 152 -6.94 6.19 20.48
CA GLU A 152 -7.46 5.58 21.70
C GLU A 152 -8.34 4.37 21.37
N TRP A 153 -8.22 3.32 22.17
CA TRP A 153 -9.11 2.17 22.01
C TRP A 153 -9.58 1.65 23.36
N ARG A 154 -10.87 1.41 23.47
CA ARG A 154 -11.45 0.93 24.72
C ARG A 154 -12.47 -0.20 24.52
N ASP A 155 -12.59 -1.05 25.53
CA ASP A 155 -13.62 -2.08 25.58
C ASP A 155 -14.37 -1.97 26.90
N PRO A 156 -15.44 -1.15 26.92
CA PRO A 156 -16.24 -0.91 28.12
C PRO A 156 -16.65 -2.21 28.83
N SER A 161 -9.15 0.96 28.71
CA SER A 161 -8.85 2.19 27.98
C SER A 161 -7.34 2.36 27.85
N GLY A 162 -6.88 2.64 26.64
CA GLY A 162 -5.47 2.87 26.38
C GLY A 162 -5.29 3.23 24.93
N GLN A 163 -4.06 3.52 24.52
CA GLN A 163 -3.82 3.87 23.13
C GLN A 163 -3.23 2.69 22.37
N LEU A 164 -3.44 2.69 21.07
CA LEU A 164 -2.77 1.78 20.17
C LEU A 164 -2.09 2.63 19.11
N THR A 165 -1.08 2.07 18.45
CA THR A 165 -0.53 2.74 17.29
C THR A 165 -0.09 1.76 16.22
N TRP A 166 0.31 2.29 15.05
CA TRP A 166 0.64 1.50 13.88
C TRP A 166 2.13 1.20 13.85
N THR A 167 2.48 -0.01 13.41
CA THR A 167 3.88 -0.37 13.23
C THR A 167 4.25 -0.36 11.75
N ARG A 168 3.27 -0.01 10.94
CA ARG A 168 3.42 0.07 9.48
C ARG A 168 2.88 1.41 8.99
N LEU A 169 3.25 1.78 7.77
CA LEU A 169 2.79 3.01 7.15
C LEU A 169 1.26 3.04 7.14
N PRO A 170 0.65 4.08 7.75
CA PRO A 170 -0.81 4.08 7.97
C PRO A 170 -1.62 4.67 6.84
N GLN A 171 -2.85 4.19 6.70
CA GLN A 171 -3.84 4.90 5.92
C GLN A 171 -4.10 6.30 6.48
N GLY A 172 -4.36 7.25 5.59
CA GLY A 172 -4.76 8.59 6.00
C GLY A 172 -3.60 9.53 6.26
N PHE A 173 -2.39 8.98 6.21
CA PHE A 173 -1.16 9.77 6.37
C PHE A 173 -0.80 10.36 5.02
N LYS A 174 -0.55 11.67 5.00
CA LYS A 174 -0.43 12.40 3.74
C LYS A 174 0.70 11.89 2.84
N ASN A 175 1.75 11.34 3.43
CA ASN A 175 2.90 10.89 2.64
C ASN A 175 2.92 9.40 2.32
N SER A 176 1.91 8.66 2.74
CA SER A 176 1.95 7.23 2.49
C SER A 176 2.02 6.85 1.01
N PRO A 177 1.19 7.48 0.14
CA PRO A 177 1.24 7.07 -1.26
C PRO A 177 2.62 7.30 -1.87
N THR A 178 3.20 8.47 -1.61
CA THR A 178 4.51 8.78 -2.18
C THR A 178 5.61 7.89 -1.62
N LEU A 179 5.62 7.69 -0.30
CA LEU A 179 6.63 6.83 0.29
C LEU A 179 6.51 5.38 -0.19
N PHE A 180 5.27 4.91 -0.37
CA PHE A 180 5.13 3.55 -0.89
C PHE A 180 5.66 3.45 -2.33
N ASP A 181 5.27 4.40 -3.15
CA ASP A 181 5.66 4.39 -4.57
C ASP A 181 7.20 4.40 -4.67
N GLU A 182 7.83 5.22 -3.84
CA GLU A 182 9.29 5.32 -3.88
C GLU A 182 9.92 4.01 -3.39
N ALA A 183 9.35 3.40 -2.36
CA ALA A 183 9.90 2.15 -1.85
C ALA A 183 9.80 1.02 -2.86
N LEU A 184 8.65 0.91 -3.52
CA LEU A 184 8.48 -0.15 -4.51
C LEU A 184 9.40 0.08 -5.70
N HIS A 185 9.58 1.33 -6.11
CA HIS A 185 10.55 1.64 -7.17
C HIS A 185 11.95 1.14 -6.81
N ARG A 186 12.39 1.37 -5.58
CA ARG A 186 13.69 0.84 -5.14
C ARG A 186 13.71 -0.69 -5.21
N ASP A 187 12.62 -1.32 -4.78
CA ASP A 187 12.58 -2.78 -4.75
C ASP A 187 12.46 -3.41 -6.15
N LEU A 188 11.93 -2.66 -7.12
CA LEU A 188 11.72 -3.21 -8.46
C LEU A 188 12.79 -2.72 -9.45
N ALA A 189 13.77 -1.97 -8.93
CA ALA A 189 14.83 -1.46 -9.80
C ALA A 189 15.56 -2.57 -10.57
N ASP A 190 15.89 -3.65 -9.87
CA ASP A 190 16.63 -4.75 -10.49
C ASP A 190 15.79 -5.50 -11.53
N PHE A 191 14.53 -5.74 -11.21
CA PHE A 191 13.62 -6.38 -12.15
C PHE A 191 13.62 -5.62 -13.49
N ARG A 192 13.59 -4.30 -13.43
CA ARG A 192 13.61 -3.49 -14.64
C ARG A 192 14.91 -3.70 -15.41
N ILE A 193 16.03 -3.79 -14.69
CA ILE A 193 17.33 -4.04 -15.32
C ILE A 193 17.39 -5.44 -15.94
N GLN A 194 16.80 -6.41 -15.25
CA GLN A 194 16.79 -7.80 -15.74
C GLN A 194 15.86 -8.03 -16.93
N HIS A 195 14.91 -7.14 -17.11
CA HIS A 195 13.92 -7.28 -18.17
C HIS A 195 13.75 -5.99 -18.95
N PRO A 196 14.79 -5.58 -19.68
CA PRO A 196 14.81 -4.28 -20.37
C PRO A 196 13.82 -4.19 -21.53
N ASP A 197 13.25 -5.31 -21.94
CA ASP A 197 12.30 -5.33 -23.04
C ASP A 197 10.84 -5.30 -22.58
N LEU A 198 10.64 -5.27 -21.26
CA LEU A 198 9.30 -5.13 -20.70
C LEU A 198 9.04 -3.70 -20.25
N ILE A 199 7.78 -3.29 -20.30
CA ILE A 199 7.39 -1.98 -19.79
C ILE A 199 6.67 -2.19 -18.46
N LEU A 200 7.15 -1.52 -17.43
CA LEU A 200 6.52 -1.62 -16.12
C LEU A 200 6.09 -0.24 -15.64
N LEU A 201 4.78 -0.05 -15.47
CA LEU A 201 4.25 1.20 -14.96
C LEU A 201 3.82 0.99 -13.51
N GLN A 202 4.23 1.91 -12.64
CA GLN A 202 3.85 1.84 -11.23
C GLN A 202 3.05 3.07 -10.82
N TYR A 203 1.87 2.85 -10.27
CA TYR A 203 1.11 3.95 -9.68
C TYR A 203 0.75 3.56 -8.25
N VAL A 204 1.64 3.86 -7.31
CA VAL A 204 1.50 3.40 -5.92
C VAL A 204 1.32 1.87 -5.88
N ASP A 205 0.10 1.39 -5.62
CA ASP A 205 -0.11 -0.07 -5.54
C ASP A 205 -0.66 -0.71 -6.82
N ASP A 206 -0.76 0.08 -7.88
CA ASP A 206 -1.35 -0.39 -9.14
C ASP A 206 -0.27 -0.54 -10.21
N LEU A 207 -0.05 -1.77 -10.67
CA LEU A 207 1.03 -2.08 -11.60
C LEU A 207 0.52 -2.53 -12.97
N LEU A 208 1.16 -2.06 -14.03
CA LEU A 208 0.91 -2.56 -15.37
C LEU A 208 2.21 -3.04 -15.99
N LEU A 209 2.23 -4.30 -16.41
CA LEU A 209 3.37 -4.84 -17.13
C LEU A 209 2.93 -5.02 -18.58
N ALA A 210 3.76 -4.56 -19.51
CA ALA A 210 3.44 -4.64 -20.93
C ALA A 210 4.56 -5.29 -21.72
N ALA A 211 4.19 -6.17 -22.64
CA ALA A 211 5.17 -6.92 -23.42
C ALA A 211 4.82 -6.91 -24.91
N THR A 212 5.76 -7.38 -25.72
CA THR A 212 5.61 -7.41 -27.17
C THR A 212 4.79 -8.61 -27.64
N SER A 213 4.78 -9.66 -26.83
CA SER A 213 4.12 -10.91 -27.21
C SER A 213 3.47 -11.57 -26.02
N GLU A 214 2.49 -12.44 -26.28
CA GLU A 214 1.83 -13.17 -25.23
C GLU A 214 2.85 -13.98 -24.45
N LEU A 215 3.80 -14.58 -25.16
CA LEU A 215 4.86 -15.35 -24.53
C LEU A 215 5.70 -14.50 -23.59
N ASP A 216 6.21 -13.38 -24.10
CA ASP A 216 7.02 -12.47 -23.29
C ASP A 216 6.23 -11.99 -22.07
N CYS A 217 4.94 -11.77 -22.26
CA CYS A 217 4.10 -11.27 -21.18
C CYS A 217 3.93 -12.34 -20.10
N GLN A 218 3.79 -13.59 -20.53
CA GLN A 218 3.64 -14.70 -19.60
C GLN A 218 4.92 -14.87 -18.78
N GLN A 219 6.06 -14.84 -19.46
CA GLN A 219 7.34 -15.03 -18.79
C GLN A 219 7.66 -13.84 -17.89
N GLY A 220 7.37 -12.64 -18.37
CA GLY A 220 7.58 -11.44 -17.58
C GLY A 220 6.71 -11.43 -16.34
N THR A 221 5.45 -11.82 -16.50
CA THR A 221 4.50 -11.88 -15.39
C THR A 221 4.94 -12.90 -14.34
N ARG A 222 5.40 -14.07 -14.81
CA ARG A 222 5.97 -15.05 -13.90
C ARG A 222 7.10 -14.43 -13.08
N ALA A 223 8.03 -13.75 -13.77
CA ALA A 223 9.17 -13.17 -13.07
C ALA A 223 8.75 -12.07 -12.10
N LEU A 224 7.74 -11.30 -12.47
CA LEU A 224 7.29 -10.19 -11.64
C LEU A 224 6.61 -10.71 -10.38
N LEU A 225 5.79 -11.75 -10.53
CA LEU A 225 5.13 -12.32 -9.37
C LEU A 225 6.17 -12.94 -8.44
N GLN A 226 7.12 -13.67 -8.99
CA GLN A 226 8.14 -14.31 -8.17
C GLN A 226 8.90 -13.24 -7.39
N THR A 227 9.27 -12.18 -8.08
CA THR A 227 9.99 -11.07 -7.46
C THR A 227 9.17 -10.36 -6.38
N LEU A 228 7.94 -9.98 -6.70
CA LEU A 228 7.07 -9.35 -5.71
C LEU A 228 6.90 -10.22 -4.47
N GLY A 229 6.64 -11.50 -4.68
CA GLY A 229 6.48 -12.43 -3.57
C GLY A 229 7.71 -12.49 -2.68
N ASN A 230 8.87 -12.64 -3.32
CA ASN A 230 10.14 -12.71 -2.62
C ASN A 230 10.44 -11.47 -1.79
N LEU A 231 10.05 -10.31 -2.32
CA LEU A 231 10.31 -9.03 -1.67
C LEU A 231 9.36 -8.79 -0.51
N GLY A 232 8.26 -9.54 -0.45
CA GLY A 232 7.30 -9.40 0.64
C GLY A 232 6.02 -8.67 0.31
N TYR A 233 5.80 -8.39 -0.97
CA TYR A 233 4.55 -7.76 -1.40
C TYR A 233 3.54 -8.83 -1.79
N ARG A 234 2.27 -8.46 -1.83
CA ARG A 234 1.21 -9.43 -2.11
C ARG A 234 0.22 -8.82 -3.09
N ALA A 235 -0.06 -9.53 -4.18
CA ALA A 235 -0.97 -9.05 -5.21
C ALA A 235 -2.34 -9.74 -5.07
N SER A 236 -3.41 -9.05 -5.45
CA SER A 236 -4.75 -9.64 -5.40
C SER A 236 -4.97 -10.62 -6.55
N ALA A 237 -5.06 -11.91 -6.25
CA ALA A 237 -5.30 -12.92 -7.28
C ALA A 237 -6.68 -12.74 -7.90
N LYS A 238 -7.63 -12.29 -7.11
CA LYS A 238 -9.01 -12.16 -7.57
C LYS A 238 -9.12 -11.09 -8.63
N LYS A 239 -8.38 -10.01 -8.45
CA LYS A 239 -8.48 -8.86 -9.34
C LYS A 239 -7.48 -8.91 -10.50
N ALA A 240 -6.51 -9.80 -10.41
CA ALA A 240 -5.43 -9.87 -11.39
C ALA A 240 -5.94 -10.02 -12.83
N GLN A 241 -5.39 -9.20 -13.73
CA GLN A 241 -5.64 -9.37 -15.16
C GLN A 241 -4.34 -9.82 -15.81
N ILE A 242 -4.28 -11.07 -16.24
CA ILE A 242 -3.01 -11.64 -16.67
C ILE A 242 -2.94 -11.93 -18.17
N CYS A 243 -1.93 -11.34 -18.81
CA CYS A 243 -1.66 -11.57 -20.23
C CYS A 243 -2.91 -11.42 -21.09
N GLN A 244 -3.54 -10.26 -21.00
CA GLN A 244 -4.68 -9.93 -21.85
C GLN A 244 -4.25 -8.85 -22.83
N LYS A 245 -4.90 -8.78 -23.99
CA LYS A 245 -4.64 -7.68 -24.92
C LYS A 245 -5.56 -6.51 -24.58
N GLN A 246 -6.43 -6.73 -23.60
CA GLN A 246 -7.39 -5.74 -23.14
C GLN A 246 -7.43 -5.74 -21.61
N VAL A 247 -7.08 -4.62 -20.98
CA VAL A 247 -7.14 -4.54 -19.51
C VAL A 247 -7.71 -3.23 -19.00
N LYS A 248 -8.17 -3.24 -17.75
CA LYS A 248 -8.57 -2.02 -17.06
C LYS A 248 -7.42 -1.59 -16.13
N TYR A 249 -6.89 -0.39 -16.36
CA TYR A 249 -5.78 0.13 -15.55
C TYR A 249 -5.99 1.60 -15.25
N LEU A 250 -6.04 1.94 -13.96
CA LEU A 250 -6.21 3.32 -13.53
C LEU A 250 -7.43 4.00 -14.14
N GLY A 251 -8.53 3.26 -14.26
CA GLY A 251 -9.76 3.83 -14.75
C GLY A 251 -9.86 3.91 -16.27
N TYR A 252 -8.76 3.56 -16.94
CA TYR A 252 -8.75 3.51 -18.40
C TYR A 252 -9.01 2.09 -18.89
N LEU A 253 -9.59 1.97 -20.08
CA LEU A 253 -9.59 0.67 -20.74
C LEU A 253 -8.48 0.67 -21.77
N LEU A 254 -7.50 -0.19 -21.58
CA LEU A 254 -6.36 -0.29 -22.48
C LEU A 254 -6.65 -1.33 -23.55
N LYS A 255 -6.81 -0.86 -24.79
CA LYS A 255 -7.24 -1.73 -25.86
C LYS A 255 -6.72 -1.25 -27.21
N GLU A 256 -6.10 -2.16 -27.96
CA GLU A 256 -5.62 -1.85 -29.30
C GLU A 256 -4.65 -0.66 -29.28
N GLY A 257 -3.96 -0.48 -28.16
CA GLY A 257 -3.01 0.60 -28.01
C GLY A 257 -3.67 1.94 -27.71
N GLN A 258 -4.98 1.91 -27.55
CA GLN A 258 -5.74 3.13 -27.29
C GLN A 258 -5.89 3.43 -25.80
N ARG A 259 -5.80 4.71 -25.46
CA ARG A 259 -5.99 5.18 -24.09
C ARG A 259 -4.77 4.99 -23.19
C1 EDO D . 6.09 -4.42 12.16
O1 EDO D . 4.93 -5.20 12.41
C2 EDO D . 7.32 -5.18 12.67
O2 EDO D . 8.01 -5.82 11.57
C1 EDO E . -4.64 -1.57 4.25
O1 EDO E . -5.11 -1.61 2.91
C2 EDO E . -3.51 -0.54 4.35
O2 EDO E . -2.37 -1.00 3.61
#